data_8YYV
#
_entry.id   8YYV
#
_cell.length_a   1.00
_cell.length_b   1.00
_cell.length_c   1.00
_cell.angle_alpha   90.00
_cell.angle_beta   90.00
_cell.angle_gamma   90.00
#
_symmetry.space_group_name_H-M   'P 1'
#
loop_
_entity.id
_entity.type
_entity.pdbx_description
1 polymer 'Signal transducer and activator of transcription 1-alpha/beta'
2 polymer "DNA (5'-D(P*AP*CP*AP*GP*TP*TP*TP*CP*CP*CP*GP*TP*AP*AP*AP*TP*GP*C)-3')"
3 polymer "DNA (5'-D(P*TP*GP*CP*AP*TP*TP*TP*AP*CP*GP*GP*GP*AP*AP*AP*CP*TP*G)-3')"
#
loop_
_entity_poly.entity_id
_entity_poly.type
_entity_poly.pdbx_seq_one_letter_code
_entity_poly.pdbx_strand_id
1 'polypeptide(L)'
;MNHKHHHHHHHHHHSSGENLYFQGHMMSQWYELQQLDSKFLEQVHQLYDDSFPMEIRQYLAQWLEKQDWEHAANDVSFAT
IRFHDLLSQLDDQYSRFSLENNFLLQHNIRKSKRNLQDNFQEDPIQMSMIIYSCLKEERKILENAQRFNQAQSGNIQSTV
MLDKQKELDSKVRNVKDKVMCIEHEIKSLEDLQDEYDFKCKTLQNREHETNGVAKSDQKQEQLLLKKMYLMLDNKRKEVV
HKIIELLNVTELTQNALINDELVEWKRRQQSACIGGPPNACLDQLQNWFTIVAESLQQVRQQLKKLEELEQKYTYEHDPI
TKNKQVLWDRTFSLFQQLIQSSFVVERQPCMPTHPQRPLVLKTGVQFTVKLRLLVKLQELNYNLKVKVLFDKDVNERNTV
KGFRKFNILGTHTKVMNMEESTNGSLAAEFRHLQLKEQKNAGTRTNEGPLIVTEELHSLSFETQLCQPGLVIDLETTSLP
VVVISNVSQLPSGWASILWYNMLVAEPRNLSFFLTPPCARWAQLSEVLSWQFSSVTKRGLNVDQLNMLGEKLLGPNASPD
GLIPWTRFCKENINDKNFPFWLWIESILELIKKHLLPLWNDGCIMGFISKERERALLKDQQPGTFLLRFSESSREGAITF
TWVERSQNGGEPDFHAVEPYTKKELSAVTFPDIIRNYKVMAAENIPENPLKYLYPNIDKDHAFGKYYSRPKEAPEPMELD
GPKGTG(PTR)IKTELISVSEVHPSRLQTTDNLLPMSPEEFDEVSRIVGSVEFDSMMNTV
;
A
2 'polydeoxyribonucleotide' (DA)(DC)(DA)(DG)(DT)(DT)(DT)(DC)(DC)(DC)(DG)(DT)(DA)(DA)(DA)(DT)(DG)(DC) C
3 'polydeoxyribonucleotide' (DT)(DG)(DC)(DA)(DT)(DT)(DT)(DA)(DC)(DG)(DG)(DG)(DA)(DA)(DA)(DC)(DT)(DG) B
#
# COMPACT_ATOMS: atom_id res chain seq x y z
N MET A 161 0.02 19.90 -2.64
CA MET A 161 -0.57 20.27 -3.95
C MET A 161 0.56 20.37 -4.98
N LEU A 162 0.66 21.51 -5.67
CA LEU A 162 1.72 21.78 -6.64
C LEU A 162 2.90 22.45 -5.94
N ASP A 163 3.24 21.96 -4.75
CA ASP A 163 4.31 22.53 -3.93
C ASP A 163 5.65 22.05 -4.50
N LYS A 164 5.76 20.72 -4.61
CA LYS A 164 6.89 20.07 -5.23
C LYS A 164 6.60 19.90 -6.72
N GLN A 165 5.43 19.33 -7.00
CA GLN A 165 5.07 18.82 -8.31
C GLN A 165 5.38 19.88 -9.34
N LYS A 166 5.15 21.14 -8.97
CA LYS A 166 5.47 22.23 -9.85
C LYS A 166 6.99 22.28 -9.99
N GLU A 167 7.70 22.50 -8.87
CA GLU A 167 9.15 22.46 -8.90
C GLU A 167 9.60 21.30 -9.82
N LEU A 168 9.43 20.05 -9.34
CA LEU A 168 9.82 18.87 -10.09
C LEU A 168 9.49 19.12 -11.55
N ASP A 169 8.18 19.22 -11.83
CA ASP A 169 7.74 19.38 -13.20
C ASP A 169 8.70 20.34 -13.89
N SER A 170 8.79 21.56 -13.37
CA SER A 170 9.67 22.56 -13.95
C SER A 170 10.94 21.88 -14.49
N LYS A 171 11.60 21.10 -13.63
CA LYS A 171 12.94 20.63 -13.92
C LYS A 171 12.88 19.73 -15.14
N VAL A 172 11.83 18.92 -15.26
CA VAL A 172 11.74 17.94 -16.32
C VAL A 172 11.56 18.64 -17.67
N ARG A 173 10.82 19.74 -17.72
CA ARG A 173 10.82 20.57 -18.92
C ARG A 173 12.25 20.94 -19.27
N ASN A 174 12.96 21.54 -18.29
CA ASN A 174 14.37 21.93 -18.37
C ASN A 174 15.27 20.93 -19.10
N VAL A 175 15.03 19.66 -18.84
CA VAL A 175 15.77 18.61 -19.47
C VAL A 175 15.39 18.52 -20.93
N LYS A 176 14.09 18.40 -21.13
CA LYS A 176 13.51 18.25 -22.46
C LYS A 176 13.95 19.41 -23.35
N ASP A 177 14.02 20.62 -22.75
CA ASP A 177 14.36 21.82 -23.48
C ASP A 177 15.82 21.69 -23.86
N LYS A 178 16.63 21.44 -22.85
CA LYS A 178 18.04 21.33 -23.13
C LYS A 178 18.33 20.33 -24.27
N VAL A 179 17.58 19.23 -24.35
CA VAL A 179 17.89 18.18 -25.30
C VAL A 179 17.62 18.62 -26.74
N MET A 180 16.46 19.23 -27.00
CA MET A 180 16.24 19.90 -28.29
C MET A 180 17.43 20.81 -28.62
N CYS A 181 17.68 21.74 -27.70
CA CYS A 181 18.70 22.75 -27.88
C CYS A 181 20.06 22.18 -28.27
N ILE A 182 20.51 21.11 -27.60
CA ILE A 182 21.68 20.38 -28.06
C ILE A 182 21.51 20.14 -29.55
N GLU A 183 20.26 19.75 -29.89
CA GLU A 183 19.92 19.06 -31.12
C GLU A 183 20.03 20.02 -32.31
N HIS A 184 19.65 21.30 -32.10
CA HIS A 184 19.94 22.33 -33.09
C HIS A 184 21.47 22.35 -33.17
N GLU A 185 22.08 22.90 -32.14
CA GLU A 185 23.51 22.97 -32.09
C GLU A 185 24.12 21.79 -32.84
N ILE A 186 23.57 20.56 -32.78
CA ILE A 186 24.30 19.46 -33.40
C ILE A 186 24.20 19.55 -34.92
N LYS A 187 23.06 20.08 -35.38
CA LYS A 187 22.73 20.22 -36.80
C LYS A 187 23.67 21.28 -37.36
N SER A 188 23.55 22.47 -36.80
CA SER A 188 24.35 23.60 -37.22
C SER A 188 25.84 23.22 -37.26
N LEU A 189 26.28 22.37 -36.33
CA LEU A 189 27.64 21.88 -36.34
C LEU A 189 27.76 20.77 -37.39
N GLU A 190 26.68 20.02 -37.57
CA GLU A 190 26.71 19.03 -38.63
C GLU A 190 26.80 19.79 -39.96
N ASP A 191 26.32 21.04 -40.03
CA ASP A 191 26.51 21.77 -41.27
C ASP A 191 27.95 22.25 -41.38
N LEU A 192 28.43 22.98 -40.38
CA LEU A 192 29.61 23.83 -40.55
C LEU A 192 30.86 23.01 -40.82
N GLN A 193 30.89 21.74 -40.43
CA GLN A 193 32.03 20.90 -40.80
C GLN A 193 31.94 20.39 -42.25
N ASP A 194 30.71 20.32 -42.77
CA ASP A 194 30.47 20.04 -44.18
C ASP A 194 30.98 21.24 -44.99
N GLU A 195 30.30 22.37 -44.80
CA GLU A 195 30.66 23.63 -45.46
C GLU A 195 32.19 23.69 -45.50
N TYR A 196 32.85 23.59 -44.35
CA TYR A 196 34.30 23.57 -44.34
C TYR A 196 34.68 22.48 -45.33
N ASP A 197 34.16 21.26 -45.11
CA ASP A 197 34.54 20.13 -45.96
C ASP A 197 34.54 20.55 -47.43
N PHE A 198 33.47 21.22 -47.88
CA PHE A 198 33.34 21.62 -49.27
C PHE A 198 34.42 22.64 -49.64
N LYS A 199 34.55 23.70 -48.82
CA LYS A 199 35.42 24.78 -49.19
C LYS A 199 36.88 24.35 -49.08
N CYS A 200 37.21 23.53 -48.06
CA CYS A 200 38.58 23.06 -47.87
C CYS A 200 39.02 22.25 -49.07
N LYS A 201 38.15 21.30 -49.48
CA LYS A 201 38.42 20.29 -50.49
C LYS A 201 38.60 20.90 -51.89
N THR A 202 38.00 22.07 -52.12
CA THR A 202 38.20 22.79 -53.38
C THR A 202 39.48 23.64 -53.31
N LEU A 203 39.91 23.97 -52.09
CA LEU A 203 41.01 24.90 -51.88
C LEU A 203 42.33 24.16 -51.59
N GLN A 204 42.27 22.95 -51.00
CA GLN A 204 43.48 22.15 -50.80
C GLN A 204 44.09 21.87 -52.16
N ASN A 205 43.26 21.42 -53.11
CA ASN A 205 43.70 21.13 -54.46
C ASN A 205 43.20 22.25 -55.39
N ARG A 206 44.15 23.11 -55.80
CA ARG A 206 43.80 24.30 -56.58
C ARG A 206 45.05 24.90 -57.24
N GLU A 207 45.27 24.51 -58.50
CA GLU A 207 46.17 25.19 -59.44
C GLU A 207 46.38 24.25 -60.63
N HIS A 208 45.29 23.51 -61.00
CA HIS A 208 45.33 22.38 -61.92
C HIS A 208 44.63 22.72 -63.24
N GLU A 209 44.80 23.98 -63.70
CA GLU A 209 43.98 24.64 -64.74
C GLU A 209 44.71 25.93 -65.16
N GLN A 220 44.31 43.40 -50.95
CA GLN A 220 43.52 42.14 -51.08
C GLN A 220 44.21 41.01 -50.28
N GLU A 221 43.75 40.77 -49.04
CA GLU A 221 44.25 39.69 -48.20
C GLU A 221 43.28 38.50 -48.27
N GLN A 222 42.28 38.60 -47.38
CA GLN A 222 41.40 37.52 -46.97
C GLN A 222 42.07 36.74 -45.83
N LEU A 223 41.31 35.75 -45.31
CA LEU A 223 41.80 34.47 -44.82
C LEU A 223 40.59 33.71 -44.27
N LEU A 224 40.17 32.68 -45.02
CA LEU A 224 39.01 31.86 -44.69
C LEU A 224 39.46 30.70 -43.82
N LEU A 225 40.51 30.01 -44.30
CA LEU A 225 40.91 28.71 -43.80
C LEU A 225 41.38 28.78 -42.35
N LYS A 226 42.17 29.83 -42.01
CA LYS A 226 42.78 30.00 -40.69
C LYS A 226 41.71 30.41 -39.68
N LYS A 227 40.90 31.45 -40.00
CA LYS A 227 39.82 31.93 -39.14
C LYS A 227 38.47 31.48 -39.71
N MET A 228 37.92 30.41 -39.14
CA MET A 228 36.73 29.75 -39.63
C MET A 228 36.83 28.30 -39.19
N TYR A 229 37.93 27.67 -39.60
CA TYR A 229 38.40 26.48 -38.94
C TYR A 229 38.09 26.67 -37.45
N LEU A 230 38.59 27.77 -36.91
CA LEU A 230 38.39 28.06 -35.50
C LEU A 230 37.01 27.55 -35.09
N MET A 231 36.00 27.81 -35.92
CA MET A 231 34.63 27.48 -35.59
C MET A 231 34.43 25.97 -35.50
N LEU A 232 35.10 25.21 -36.37
CA LEU A 232 35.06 23.77 -36.18
C LEU A 232 35.69 23.38 -34.84
N ASP A 233 36.59 24.20 -34.28
CA ASP A 233 36.86 24.05 -32.86
C ASP A 233 35.68 24.67 -32.11
N ASN A 234 35.66 26.00 -31.99
CA ASN A 234 34.66 26.65 -31.17
C ASN A 234 33.39 25.83 -31.12
N LYS A 235 32.79 25.54 -32.27
CA LYS A 235 31.43 25.03 -32.20
C LYS A 235 31.45 23.70 -31.46
N ARG A 236 32.50 22.90 -31.64
CA ARG A 236 32.51 21.57 -31.01
C ARG A 236 32.66 21.61 -29.48
N LYS A 237 33.59 22.47 -29.08
CA LYS A 237 33.70 22.83 -27.68
C LYS A 237 32.33 23.23 -27.13
N GLU A 238 31.71 24.31 -27.64
CA GLU A 238 30.35 24.64 -27.22
C GLU A 238 29.37 23.45 -27.22
N VAL A 239 29.35 22.58 -28.26
CA VAL A 239 28.46 21.44 -28.20
C VAL A 239 28.78 20.58 -26.98
N VAL A 240 30.07 20.17 -26.84
CA VAL A 240 30.47 19.18 -25.83
C VAL A 240 30.19 19.65 -24.40
N HIS A 241 30.65 20.87 -24.14
CA HIS A 241 30.49 21.46 -22.83
C HIS A 241 28.98 21.48 -22.54
N LYS A 242 28.20 21.84 -23.56
CA LYS A 242 26.77 21.94 -23.38
C LYS A 242 26.08 20.61 -23.06
N ILE A 243 26.51 19.48 -23.63
CA ILE A 243 25.92 18.25 -23.16
C ILE A 243 26.18 18.10 -21.67
N ILE A 244 27.45 18.31 -21.29
CA ILE A 244 27.85 18.08 -19.91
C ILE A 244 26.90 18.83 -19.01
N GLU A 245 26.65 20.12 -19.27
CA GLU A 245 25.65 20.78 -18.45
C GLU A 245 24.35 19.98 -18.36
N LEU A 246 23.68 19.64 -19.48
CA LEU A 246 22.50 18.74 -19.44
C LEU A 246 22.70 17.56 -18.52
N LEU A 247 23.67 16.65 -18.83
CA LEU A 247 23.88 15.50 -17.98
C LEU A 247 23.89 15.78 -16.47
N ASN A 248 24.70 16.74 -16.00
CA ASN A 248 24.72 17.17 -14.61
C ASN A 248 23.36 17.50 -14.04
N VAL A 249 22.56 18.24 -14.81
CA VAL A 249 21.20 18.56 -14.42
C VAL A 249 20.37 17.30 -14.32
N THR A 250 20.60 16.37 -15.22
CA THR A 250 19.62 15.33 -15.36
C THR A 250 19.69 14.51 -14.12
N GLU A 251 20.95 14.29 -13.63
CA GLU A 251 21.25 13.61 -12.36
C GLU A 251 20.53 14.21 -11.12
N LEU A 252 20.62 15.52 -10.91
CA LEU A 252 19.78 16.20 -9.93
C LEU A 252 18.32 15.79 -10.03
N THR A 253 17.73 15.99 -11.22
CA THR A 253 16.34 15.63 -11.47
C THR A 253 16.08 14.19 -11.08
N GLN A 254 16.92 13.30 -11.61
CA GLN A 254 16.70 11.88 -11.42
C GLN A 254 16.86 11.52 -9.94
N ASN A 255 17.67 12.27 -9.20
CA ASN A 255 17.70 12.04 -7.76
C ASN A 255 16.39 12.43 -7.08
N ALA A 256 15.83 13.54 -7.48
CA ALA A 256 14.64 14.03 -6.82
C ALA A 256 13.51 13.05 -7.05
N LEU A 257 13.48 12.49 -8.25
CA LEU A 257 12.34 11.72 -8.69
C LEU A 257 12.42 10.32 -8.16
N ILE A 258 13.61 9.79 -7.89
CA ILE A 258 13.69 8.40 -7.50
C ILE A 258 13.64 8.30 -6.00
N ASN A 259 14.32 9.25 -5.29
CA ASN A 259 14.57 9.20 -3.84
C ASN A 259 13.56 10.00 -3.02
N ASP A 260 12.90 11.00 -3.59
CA ASP A 260 11.72 11.52 -2.91
C ASP A 260 10.49 10.91 -3.55
N GLU A 261 10.26 11.15 -4.84
CA GLU A 261 8.91 11.10 -5.36
C GLU A 261 8.34 9.69 -5.29
N LEU A 262 9.13 8.77 -5.85
CA LEU A 262 8.77 7.37 -5.84
C LEU A 262 8.76 6.93 -4.40
N VAL A 263 9.85 7.24 -3.72
CA VAL A 263 9.86 6.77 -2.37
C VAL A 263 8.55 7.12 -1.65
N GLU A 264 8.05 8.34 -1.87
CA GLU A 264 6.96 8.71 -1.02
C GLU A 264 5.76 7.90 -1.41
N TRP A 265 5.62 7.60 -2.69
CA TRP A 265 4.43 6.91 -3.15
C TRP A 265 4.38 5.57 -2.51
N LYS A 266 5.59 5.00 -2.32
CA LYS A 266 5.61 3.62 -1.89
C LYS A 266 5.18 3.58 -0.45
N ARG A 267 5.62 4.52 0.37
CA ARG A 267 5.06 4.58 1.73
C ARG A 267 3.55 4.79 1.66
N ARG A 268 3.13 5.66 0.76
CA ARG A 268 1.71 5.96 0.70
C ARG A 268 0.95 4.67 0.48
N GLN A 269 1.60 3.72 -0.20
CA GLN A 269 0.93 2.47 -0.58
C GLN A 269 0.90 1.44 0.54
N GLN A 270 2.07 1.28 1.20
CA GLN A 270 2.11 0.66 2.50
C GLN A 270 0.92 1.05 3.35
N SER A 271 0.40 2.26 3.21
CA SER A 271 -0.54 2.59 4.24
C SER A 271 -1.91 2.26 3.71
N ALA A 272 -2.09 2.48 2.42
CA ALA A 272 -3.29 1.99 1.80
C ALA A 272 -3.63 0.54 2.17
N CYS A 273 -2.63 -0.32 2.39
CA CYS A 273 -2.83 -1.75 2.57
C CYS A 273 -3.45 -2.06 3.92
N ILE A 274 -2.94 -1.39 4.92
CA ILE A 274 -3.70 -1.55 6.13
C ILE A 274 -4.83 -0.55 6.24
N GLY A 275 -5.43 -0.09 5.15
CA GLY A 275 -6.53 0.85 5.26
C GLY A 275 -6.00 2.23 5.68
N GLY A 276 -6.68 3.27 5.27
CA GLY A 276 -6.00 4.55 5.16
C GLY A 276 -6.24 5.19 3.81
N PRO A 277 -5.82 6.45 3.72
CA PRO A 277 -6.17 7.32 2.60
C PRO A 277 -5.72 6.65 1.32
N PRO A 278 -6.60 6.50 0.32
CA PRO A 278 -6.24 5.79 -0.91
C PRO A 278 -5.13 6.49 -1.68
N ASN A 279 -4.32 5.66 -2.35
CA ASN A 279 -3.10 6.12 -3.00
C ASN A 279 -3.51 6.64 -4.36
N ALA A 280 -2.76 7.63 -4.83
CA ALA A 280 -2.94 8.22 -6.14
C ALA A 280 -2.49 7.25 -7.24
N CYS A 281 -2.87 7.51 -8.49
CA CYS A 281 -2.39 6.74 -9.63
C CYS A 281 -0.87 6.87 -9.85
N LEU A 282 -0.30 5.93 -10.63
CA LEU A 282 1.10 6.01 -11.02
C LEU A 282 1.30 6.79 -12.32
N ASP A 283 0.26 7.48 -12.82
CA ASP A 283 0.35 8.21 -14.08
C ASP A 283 1.36 9.34 -13.98
N GLN A 284 1.09 10.30 -13.09
CA GLN A 284 1.99 11.44 -12.98
C GLN A 284 3.43 10.94 -12.96
N LEU A 285 3.71 9.96 -12.09
CA LEU A 285 5.07 9.49 -11.96
C LEU A 285 5.52 8.98 -13.33
N GLN A 286 4.68 8.12 -13.94
CA GLN A 286 4.95 7.46 -15.22
C GLN A 286 5.41 8.47 -16.24
N ASN A 287 4.77 9.65 -16.15
CA ASN A 287 5.10 10.76 -17.04
C ASN A 287 6.56 11.16 -16.84
N TRP A 288 6.89 11.75 -15.70
CA TRP A 288 8.27 12.15 -15.48
C TRP A 288 9.26 11.07 -15.90
N PHE A 289 9.07 9.90 -15.31
CA PHE A 289 9.97 8.81 -15.59
C PHE A 289 10.17 8.68 -17.08
N THR A 290 9.05 8.64 -17.86
CA THR A 290 9.18 8.44 -19.31
C THR A 290 9.88 9.61 -20.03
N ILE A 291 9.53 10.86 -19.73
CA ILE A 291 10.22 11.99 -20.32
C ILE A 291 11.74 11.94 -20.06
N VAL A 292 12.11 11.90 -18.80
CA VAL A 292 13.52 11.81 -18.55
C VAL A 292 14.11 10.57 -19.20
N ALA A 293 13.31 9.51 -19.42
CA ALA A 293 13.92 8.33 -20.02
C ALA A 293 13.98 8.46 -21.56
N GLU A 294 13.00 9.12 -22.20
CA GLU A 294 13.19 9.51 -23.60
C GLU A 294 14.45 10.38 -23.70
N SER A 295 14.53 11.46 -22.90
CA SER A 295 15.60 12.45 -23.09
C SER A 295 16.98 11.79 -23.08
N LEU A 296 17.22 10.87 -22.17
CA LEU A 296 18.51 10.23 -22.21
C LEU A 296 18.68 9.60 -23.58
N GLN A 297 17.67 8.79 -24.01
CA GLN A 297 17.76 8.02 -25.23
C GLN A 297 18.24 8.90 -26.36
N GLN A 298 17.71 10.12 -26.44
CA GLN A 298 18.21 11.10 -27.41
C GLN A 298 19.66 11.47 -27.14
N VAL A 299 20.00 11.66 -25.87
CA VAL A 299 21.39 11.98 -25.61
C VAL A 299 22.25 10.77 -25.96
N ARG A 300 21.63 9.59 -26.06
CA ARG A 300 22.44 8.48 -26.47
C ARG A 300 22.87 8.76 -27.89
N GLN A 301 21.88 9.00 -28.77
CA GLN A 301 22.11 9.10 -30.20
C GLN A 301 23.11 10.20 -30.56
N GLN A 302 23.03 11.39 -29.93
CA GLN A 302 23.92 12.46 -30.32
C GLN A 302 25.37 12.13 -29.93
N LEU A 303 25.53 11.32 -28.89
CA LEU A 303 26.90 10.98 -28.61
C LEU A 303 27.46 10.09 -29.71
N LYS A 304 26.57 9.53 -30.54
CA LYS A 304 26.96 8.69 -31.66
C LYS A 304 27.06 9.49 -32.98
N LYS A 305 26.37 10.62 -33.05
CA LYS A 305 26.47 11.54 -34.17
C LYS A 305 27.77 12.35 -34.09
N LEU A 306 28.10 12.72 -32.87
CA LEU A 306 29.43 13.23 -32.67
C LEU A 306 30.45 12.11 -32.81
N GLU A 307 30.10 10.87 -32.43
CA GLU A 307 31.05 9.80 -32.62
C GLU A 307 31.38 9.81 -34.11
N GLU A 308 30.37 10.02 -34.96
CA GLU A 308 30.57 10.07 -36.41
C GLU A 308 31.50 11.21 -36.87
N LEU A 309 31.13 12.46 -36.58
CA LEU A 309 31.98 13.57 -36.98
C LEU A 309 33.46 13.29 -36.66
N GLU A 310 33.76 12.65 -35.53
CA GLU A 310 35.15 12.36 -35.21
C GLU A 310 35.67 11.37 -36.24
N GLN A 311 34.82 10.39 -36.57
CA GLN A 311 35.12 9.39 -37.59
C GLN A 311 34.94 10.00 -38.99
N LYS A 312 34.93 11.33 -39.05
CA LYS A 312 35.34 11.99 -40.26
C LYS A 312 36.70 12.58 -39.95
N TYR A 313 36.68 13.73 -39.26
CA TYR A 313 37.81 14.64 -39.21
C TYR A 313 38.29 14.81 -37.77
N THR A 314 39.62 14.84 -37.59
CA THR A 314 40.23 14.94 -36.26
C THR A 314 41.57 15.67 -36.36
N TYR A 315 42.16 15.96 -35.21
CA TYR A 315 43.20 16.96 -35.17
C TYR A 315 43.72 17.05 -33.74
N GLU A 316 44.51 18.08 -33.47
CA GLU A 316 45.45 18.01 -32.38
C GLU A 316 44.67 17.76 -31.10
N HIS A 317 43.84 18.75 -30.69
CA HIS A 317 42.98 18.64 -29.52
C HIS A 317 41.52 18.60 -29.98
N ASP A 318 40.88 17.42 -29.91
CA ASP A 318 39.57 17.23 -30.49
C ASP A 318 38.51 17.12 -29.41
N PRO A 319 37.84 18.23 -29.03
CA PRO A 319 36.98 18.31 -27.86
C PRO A 319 36.27 17.02 -27.58
N ILE A 320 36.02 16.25 -28.67
CA ILE A 320 35.17 15.07 -28.67
C ILE A 320 35.99 13.83 -28.76
N THR A 321 37.26 13.91 -28.33
CA THR A 321 38.05 12.71 -28.15
C THR A 321 38.38 12.53 -26.67
N LYS A 322 38.49 13.65 -25.91
CA LYS A 322 38.69 13.61 -24.47
C LYS A 322 37.35 13.30 -23.76
N ASN A 323 36.27 13.66 -24.44
CA ASN A 323 34.96 13.65 -23.83
C ASN A 323 34.20 12.37 -24.16
N LYS A 324 34.62 11.67 -25.20
CA LYS A 324 33.87 10.57 -25.73
C LYS A 324 33.49 9.52 -24.67
N GLN A 325 34.44 9.03 -23.89
CA GLN A 325 34.15 7.80 -23.14
C GLN A 325 33.51 8.16 -21.81
N VAL A 326 34.01 9.23 -21.21
CA VAL A 326 33.40 9.64 -19.95
C VAL A 326 31.94 9.85 -20.25
N LEU A 327 31.62 10.62 -21.30
CA LEU A 327 30.24 10.94 -21.62
C LEU A 327 29.41 9.67 -21.77
N TRP A 328 29.85 8.84 -22.72
CA TRP A 328 29.09 7.66 -23.05
C TRP A 328 28.72 6.92 -21.77
N ASP A 329 29.69 6.86 -20.85
CA ASP A 329 29.61 6.03 -19.66
C ASP A 329 28.62 6.62 -18.68
N ARG A 330 28.69 7.94 -18.51
CA ARG A 330 27.68 8.68 -17.78
C ARG A 330 26.33 8.45 -18.36
N THR A 331 26.17 8.73 -19.64
CA THR A 331 24.82 8.60 -20.13
C THR A 331 24.26 7.23 -19.73
N PHE A 332 24.98 6.12 -20.01
CA PHE A 332 24.41 4.82 -19.70
C PHE A 332 24.24 4.59 -18.20
N SER A 333 25.24 5.03 -17.42
CA SER A 333 25.16 4.94 -15.97
C SER A 333 23.80 5.43 -15.52
N LEU A 334 23.43 6.64 -16.05
CA LEU A 334 22.16 7.32 -15.76
C LEU A 334 20.99 6.47 -16.23
N PHE A 335 21.04 6.08 -17.49
CA PHE A 335 19.89 5.35 -18.01
C PHE A 335 19.58 4.21 -17.04
N GLN A 336 20.65 3.52 -16.67
CA GLN A 336 20.51 2.28 -15.96
C GLN A 336 19.78 2.53 -14.63
N GLN A 337 20.21 3.54 -13.89
CA GLN A 337 19.62 3.79 -12.58
C GLN A 337 18.15 4.04 -12.75
N LEU A 338 17.87 4.87 -13.77
CA LEU A 338 16.52 5.28 -14.18
C LEU A 338 15.55 4.15 -14.44
N ILE A 339 15.95 3.19 -15.27
CA ILE A 339 15.04 2.13 -15.62
C ILE A 339 14.88 1.18 -14.47
N GLN A 340 16.02 0.81 -13.85
CA GLN A 340 16.02 -0.05 -12.67
C GLN A 340 14.92 0.37 -11.69
N SER A 341 14.81 1.69 -11.53
CA SER A 341 13.97 2.19 -10.45
C SER A 341 12.52 2.15 -10.86
N SER A 342 12.25 2.26 -12.14
CA SER A 342 10.87 2.16 -12.56
C SER A 342 10.20 0.82 -12.21
N PHE A 343 10.89 -0.31 -12.13
CA PHE A 343 10.12 -1.54 -12.08
C PHE A 343 9.51 -1.70 -10.68
N VAL A 344 8.18 -1.74 -10.52
CA VAL A 344 7.52 -1.51 -9.25
C VAL A 344 6.22 -2.30 -9.13
N VAL A 345 5.89 -2.78 -7.91
CA VAL A 345 4.70 -3.63 -7.70
C VAL A 345 3.48 -2.74 -7.57
N GLU A 346 2.72 -2.57 -8.63
CA GLU A 346 1.64 -1.59 -8.65
C GLU A 346 0.52 -2.01 -7.73
N ARG A 347 0.33 -3.34 -7.53
CA ARG A 347 -0.71 -3.83 -6.62
C ARG A 347 -0.19 -5.04 -5.91
N GLN A 348 -0.10 -5.03 -4.55
CA GLN A 348 0.64 -6.10 -3.87
C GLN A 348 -0.26 -7.34 -3.70
N PRO A 349 0.30 -8.53 -3.38
CA PRO A 349 -0.41 -9.78 -3.45
C PRO A 349 -1.61 -9.94 -2.54
N CYS A 350 -2.61 -10.69 -3.04
CA CYS A 350 -3.92 -10.70 -2.42
C CYS A 350 -4.80 -11.90 -2.85
N MET A 351 -5.50 -12.48 -1.88
CA MET A 351 -6.51 -13.45 -2.27
C MET A 351 -7.83 -12.75 -2.61
N PRO A 352 -8.38 -12.88 -3.84
CA PRO A 352 -9.64 -12.22 -4.26
C PRO A 352 -10.84 -12.31 -3.31
N THR A 353 -10.97 -13.50 -2.77
CA THR A 353 -11.95 -13.79 -1.76
C THR A 353 -11.57 -13.13 -0.43
N HIS A 354 -10.54 -12.28 -0.39
CA HIS A 354 -10.20 -11.61 0.85
C HIS A 354 -9.55 -10.27 0.57
N PRO A 355 -10.29 -9.29 0.04
CA PRO A 355 -9.66 -8.16 -0.62
C PRO A 355 -9.26 -7.04 0.32
N GLN A 356 -9.79 -7.04 1.53
CA GLN A 356 -9.26 -6.08 2.49
C GLN A 356 -8.12 -6.69 3.29
N ARG A 357 -7.47 -7.71 2.77
CA ARG A 357 -6.59 -8.39 3.67
C ARG A 357 -5.43 -8.76 2.80
N PRO A 358 -4.69 -7.76 2.33
CA PRO A 358 -3.78 -7.95 1.25
C PRO A 358 -2.37 -8.00 1.75
N LEU A 359 -2.03 -9.03 2.50
CA LEU A 359 -0.64 -9.45 2.46
C LEU A 359 -0.53 -10.78 3.16
N VAL A 360 -1.67 -11.48 3.15
CA VAL A 360 -1.77 -12.80 3.76
C VAL A 360 -2.33 -13.74 2.69
N LEU A 361 -1.70 -14.89 2.58
CA LEU A 361 -1.93 -15.87 1.54
C LEU A 361 -2.31 -17.20 2.19
N LYS A 362 -3.03 -18.06 1.49
CA LYS A 362 -3.23 -19.41 2.03
C LYS A 362 -2.84 -20.44 0.98
N THR A 363 -1.97 -21.38 1.41
CA THR A 363 -1.58 -22.54 0.63
C THR A 363 -2.88 -23.05 0.03
N GLY A 364 -3.03 -22.95 -1.29
CA GLY A 364 -4.16 -23.60 -1.94
C GLY A 364 -4.98 -22.66 -2.79
N VAL A 365 -5.39 -21.57 -2.16
CA VAL A 365 -6.14 -20.54 -2.87
C VAL A 365 -5.22 -19.87 -3.86
N GLN A 366 -5.86 -19.39 -4.94
CA GLN A 366 -5.24 -18.55 -5.94
C GLN A 366 -5.21 -17.10 -5.48
N PHE A 367 -4.15 -16.37 -5.91
CA PHE A 367 -4.00 -14.95 -5.62
C PHE A 367 -3.29 -14.25 -6.77
N THR A 368 -3.38 -12.91 -6.75
CA THR A 368 -3.05 -12.02 -7.86
C THR A 368 -1.99 -10.96 -7.47
N VAL A 369 -1.14 -10.59 -8.45
CA VAL A 369 -0.15 -9.55 -8.28
C VAL A 369 -0.22 -8.70 -9.54
N LYS A 370 0.12 -7.41 -9.47
CA LYS A 370 0.39 -6.66 -10.69
C LYS A 370 1.74 -5.92 -10.67
N LEU A 371 2.59 -6.21 -11.63
CA LEU A 371 3.79 -5.43 -11.76
C LEU A 371 3.47 -4.26 -12.63
N ARG A 372 4.42 -3.33 -12.83
CA ARG A 372 4.30 -2.22 -13.78
C ARG A 372 5.60 -1.50 -14.00
N LEU A 373 5.96 -1.22 -15.23
CA LEU A 373 7.13 -0.39 -15.49
C LEU A 373 6.67 1.05 -15.73
N LEU A 374 7.53 2.01 -15.42
CA LEU A 374 7.06 3.39 -15.47
C LEU A 374 7.69 4.06 -16.67
N VAL A 375 8.64 3.42 -17.34
CA VAL A 375 9.29 4.10 -18.46
C VAL A 375 8.63 3.71 -19.79
N LYS A 376 7.45 4.28 -20.07
CA LYS A 376 6.55 3.71 -21.08
C LYS A 376 7.11 4.03 -22.46
N LEU A 377 8.09 3.23 -22.86
CA LEU A 377 8.55 3.25 -24.23
C LEU A 377 7.69 2.28 -25.04
N GLN A 378 7.82 2.29 -26.36
CA GLN A 378 7.02 1.38 -27.18
C GLN A 378 7.92 0.27 -27.77
N GLU A 379 9.22 0.32 -27.50
CA GLU A 379 10.17 -0.71 -27.95
C GLU A 379 10.52 -1.64 -26.79
N LEU A 380 9.61 -1.66 -25.82
CA LEU A 380 9.65 -2.54 -24.67
C LEU A 380 8.31 -3.24 -24.61
N ASN A 381 7.68 -3.48 -25.78
CA ASN A 381 6.36 -4.09 -25.80
C ASN A 381 6.49 -5.53 -26.30
N TYR A 382 6.20 -6.50 -25.41
CA TYR A 382 6.46 -7.92 -25.63
C TYR A 382 7.95 -8.24 -25.65
N ASN A 383 8.68 -7.59 -24.75
CA ASN A 383 10.11 -7.66 -24.76
C ASN A 383 10.55 -8.20 -23.41
N LEU A 384 9.93 -7.69 -22.33
CA LEU A 384 10.28 -8.04 -20.96
C LEU A 384 9.41 -9.19 -20.43
N LYS A 385 10.10 -10.27 -20.05
CA LYS A 385 9.42 -11.44 -19.54
C LYS A 385 9.71 -11.53 -18.04
N VAL A 386 8.69 -11.23 -17.25
CA VAL A 386 8.81 -11.23 -15.82
C VAL A 386 8.70 -12.68 -15.34
N LYS A 387 9.67 -13.15 -14.51
CA LYS A 387 9.44 -14.36 -13.73
C LYS A 387 9.37 -14.15 -12.22
N VAL A 388 8.42 -14.83 -11.58
CA VAL A 388 8.12 -14.73 -10.15
C VAL A 388 8.96 -15.72 -9.38
N LEU A 389 9.39 -15.41 -8.16
CA LEU A 389 10.17 -16.35 -7.38
C LEU A 389 9.64 -16.34 -5.97
N PHE A 390 10.15 -17.19 -5.07
CA PHE A 390 9.65 -17.15 -3.70
C PHE A 390 10.72 -17.55 -2.68
N ASP A 391 10.80 -16.72 -1.65
CA ASP A 391 11.78 -16.80 -0.60
C ASP A 391 13.20 -16.67 -1.12
N LYS A 392 13.40 -16.19 -2.37
CA LYS A 392 14.73 -16.10 -2.96
C LYS A 392 15.69 -15.16 -2.20
N ASP A 393 16.71 -15.78 -1.58
CA ASP A 393 17.86 -15.12 -0.97
C ASP A 393 17.51 -14.80 0.47
N VAL A 394 16.53 -15.52 1.02
CA VAL A 394 16.07 -15.28 2.37
C VAL A 394 16.92 -16.04 3.36
N ASN A 395 17.80 -15.33 4.09
CA ASN A 395 18.79 -16.02 4.90
C ASN A 395 18.11 -16.65 6.12
N GLU A 396 16.82 -16.32 6.33
CA GLU A 396 16.07 -16.78 7.49
C GLU A 396 15.64 -18.21 7.29
N ARG A 397 16.08 -18.83 6.18
CA ARG A 397 15.84 -20.23 5.92
C ARG A 397 16.90 -21.08 6.60
N ASN A 398 18.11 -20.52 6.74
CA ASN A 398 19.22 -21.26 7.34
C ASN A 398 19.30 -20.89 8.83
N THR A 399 19.02 -19.63 9.16
CA THR A 399 19.31 -19.10 10.48
C THR A 399 18.16 -19.34 11.45
N VAL A 400 16.92 -19.20 10.97
CA VAL A 400 15.77 -19.32 11.85
C VAL A 400 15.32 -20.77 11.85
N LYS A 401 15.25 -21.35 13.05
CA LYS A 401 14.88 -22.75 13.18
C LYS A 401 13.40 -22.89 12.92
N GLY A 402 13.01 -23.76 11.99
CA GLY A 402 11.60 -24.06 11.80
C GLY A 402 11.00 -23.29 10.62
N PHE A 403 11.86 -22.61 9.87
CA PHE A 403 11.33 -21.82 8.81
C PHE A 403 10.73 -22.73 7.75
N ARG A 404 9.42 -22.61 7.53
CA ARG A 404 8.68 -23.23 6.43
C ARG A 404 9.33 -22.96 5.10
N LYS A 405 8.93 -23.69 4.04
CA LYS A 405 9.37 -23.41 2.68
C LYS A 405 8.24 -23.69 1.70
N PHE A 406 8.26 -23.14 0.48
CA PHE A 406 7.09 -23.27 -0.41
C PHE A 406 7.55 -23.16 -1.87
N ASN A 407 6.61 -23.34 -2.80
CA ASN A 407 6.83 -23.18 -4.23
C ASN A 407 5.57 -22.64 -4.89
N ILE A 408 5.78 -21.78 -5.87
CA ILE A 408 4.67 -21.14 -6.54
C ILE A 408 4.21 -22.13 -7.61
N LEU A 409 2.89 -22.32 -7.75
CA LEU A 409 2.39 -23.41 -8.59
C LEU A 409 2.01 -22.92 -9.96
N GLY A 410 1.13 -21.90 -10.02
CA GLY A 410 0.53 -21.44 -11.27
C GLY A 410 1.54 -21.23 -12.41
N THR A 411 1.14 -20.43 -13.40
CA THR A 411 2.14 -20.02 -14.39
C THR A 411 2.90 -18.83 -13.83
N HIS A 412 4.21 -18.98 -13.68
CA HIS A 412 5.09 -17.88 -13.32
C HIS A 412 5.25 -17.08 -14.61
N THR A 413 6.32 -17.31 -15.37
CA THR A 413 6.65 -16.34 -16.39
C THR A 413 5.37 -15.76 -17.00
N LYS A 414 5.33 -14.42 -17.06
CA LYS A 414 4.40 -13.71 -17.92
C LYS A 414 5.25 -12.71 -18.71
N VAL A 415 4.75 -12.20 -19.84
CA VAL A 415 5.46 -11.17 -20.58
C VAL A 415 4.67 -9.86 -20.48
N MET A 416 5.38 -8.73 -20.48
CA MET A 416 4.79 -7.45 -20.08
C MET A 416 4.42 -6.59 -21.28
N ASN A 417 3.14 -6.25 -21.37
CA ASN A 417 2.59 -5.78 -22.63
C ASN A 417 1.63 -4.62 -22.44
N MET A 418 1.54 -3.76 -23.48
CA MET A 418 0.92 -2.46 -23.38
C MET A 418 -0.59 -2.59 -23.47
N GLU A 419 -1.04 -3.73 -23.99
CA GLU A 419 -2.45 -3.99 -24.16
C GLU A 419 -3.05 -4.22 -22.78
N GLU A 420 -4.15 -4.97 -22.72
CA GLU A 420 -4.72 -5.39 -21.44
C GLU A 420 -5.00 -4.15 -20.60
N SER A 421 -4.01 -3.72 -19.82
CA SER A 421 -4.15 -2.55 -18.99
C SER A 421 -4.25 -1.34 -19.92
N THR A 422 -5.30 -0.54 -19.71
CA THR A 422 -5.60 0.59 -20.58
C THR A 422 -4.62 1.73 -20.30
N ASN A 423 -4.63 2.71 -21.23
CA ASN A 423 -3.92 3.97 -21.08
C ASN A 423 -2.42 3.71 -21.02
N GLY A 424 -1.91 3.02 -22.04
CA GLY A 424 -0.57 2.50 -21.96
C GLY A 424 -0.46 1.59 -20.74
N SER A 425 0.39 1.99 -19.79
CA SER A 425 0.77 1.16 -18.67
C SER A 425 1.44 -0.06 -19.28
N LEU A 426 2.73 -0.23 -19.04
CA LEU A 426 3.38 -1.44 -19.50
C LEU A 426 3.43 -2.54 -18.45
N ALA A 427 2.31 -3.26 -18.22
CA ALA A 427 2.09 -4.03 -17.00
C ALA A 427 2.11 -5.55 -17.22
N ALA A 428 1.88 -6.31 -16.12
CA ALA A 428 1.79 -7.77 -16.10
C ALA A 428 0.98 -8.24 -14.89
N GLU A 429 -0.27 -8.67 -15.09
CA GLU A 429 -1.12 -8.99 -13.95
C GLU A 429 -1.25 -10.48 -13.82
N PHE A 430 -0.38 -11.12 -13.05
CA PHE A 430 -0.57 -12.52 -12.71
C PHE A 430 -1.92 -12.65 -12.00
N ARG A 431 -2.81 -13.50 -12.53
CA ARG A 431 -3.72 -14.22 -11.64
C ARG A 431 -3.36 -15.71 -11.68
N HIS A 432 -4.08 -16.51 -10.91
CA HIS A 432 -3.78 -17.93 -10.83
C HIS A 432 -2.30 -18.14 -10.46
N LEU A 433 -1.99 -17.95 -9.16
CA LEU A 433 -0.72 -18.30 -8.54
C LEU A 433 -1.11 -18.95 -7.24
N GLN A 434 -0.29 -19.90 -6.79
CA GLN A 434 -0.61 -20.71 -5.62
C GLN A 434 0.64 -21.08 -4.83
N LEU A 435 0.50 -21.24 -3.54
CA LEU A 435 1.62 -21.74 -2.78
C LEU A 435 1.35 -23.19 -2.40
N LYS A 436 2.42 -23.96 -2.29
CA LYS A 436 2.33 -25.28 -1.70
C LYS A 436 3.55 -25.50 -0.79
N GLU A 437 3.33 -26.14 0.35
CA GLU A 437 4.47 -26.27 1.24
C GLU A 437 5.36 -27.31 0.59
N GLN A 438 6.62 -27.32 0.98
CA GLN A 438 7.55 -28.34 0.56
C GLN A 438 7.72 -29.24 1.77
N LYS A 439 6.83 -30.23 1.88
CA LYS A 439 6.98 -31.24 2.91
C LYS A 439 8.17 -32.07 2.46
N ASN A 440 9.23 -32.01 3.26
CA ASN A 440 10.41 -32.81 3.00
C ASN A 440 11.06 -33.15 4.34
N ALA A 441 10.23 -33.31 5.37
CA ALA A 441 10.72 -33.19 6.74
C ALA A 441 11.64 -31.97 6.77
N GLY A 442 12.95 -32.17 6.90
CA GLY A 442 13.92 -31.10 6.72
C GLY A 442 13.99 -30.20 7.95
N THR A 443 13.06 -29.24 8.02
CA THR A 443 12.92 -28.34 9.16
C THR A 443 12.45 -29.16 10.35
N ARG A 444 11.66 -30.20 10.05
CA ARG A 444 11.11 -31.11 11.04
C ARG A 444 10.11 -30.35 11.91
N THR A 445 9.65 -29.19 11.40
CA THR A 445 8.57 -28.44 12.01
C THR A 445 8.79 -28.34 13.52
N ASN A 446 10.01 -28.04 13.95
CA ASN A 446 10.23 -27.73 15.35
C ASN A 446 9.18 -26.69 15.76
N GLU A 447 8.28 -27.08 16.66
CA GLU A 447 7.30 -26.19 17.25
C GLU A 447 7.79 -25.68 18.61
N GLY A 448 9.06 -25.97 18.95
CA GLY A 448 9.77 -25.21 19.97
C GLY A 448 10.90 -24.37 19.36
N PRO A 449 10.60 -23.33 18.53
CA PRO A 449 11.60 -22.47 17.89
C PRO A 449 11.44 -21.02 18.34
N LEU A 450 11.63 -20.06 17.42
CA LEU A 450 11.66 -18.67 17.84
C LEU A 450 10.30 -18.02 17.76
N ILE A 451 9.56 -18.24 16.67
CA ILE A 451 8.36 -17.49 16.34
C ILE A 451 7.28 -18.40 15.75
N VAL A 452 6.00 -18.24 16.20
CA VAL A 452 4.81 -18.92 15.64
C VAL A 452 4.69 -18.59 14.16
N THR A 453 3.72 -19.06 13.36
CA THR A 453 3.42 -18.50 11.99
C THR A 453 2.80 -17.03 11.96
N GLU A 454 3.79 -16.21 12.39
CA GLU A 454 4.19 -14.84 12.06
C GLU A 454 5.70 -14.80 11.77
N GLU A 455 6.10 -15.61 10.78
CA GLU A 455 7.29 -15.35 10.03
C GLU A 455 6.90 -14.62 8.75
N LEU A 456 7.72 -13.68 8.29
CA LEU A 456 7.47 -13.01 7.02
C LEU A 456 8.36 -13.61 5.94
N HIS A 457 7.74 -13.72 4.77
CA HIS A 457 8.29 -14.33 3.58
C HIS A 457 8.14 -13.38 2.39
N SER A 458 8.96 -13.48 1.34
CA SER A 458 8.90 -12.46 0.31
C SER A 458 8.82 -12.98 -1.13
N LEU A 459 7.80 -12.58 -1.88
CA LEU A 459 7.80 -12.72 -3.33
C LEU A 459 8.83 -11.82 -3.93
N SER A 460 9.41 -12.28 -5.04
CA SER A 460 10.32 -11.51 -5.84
C SER A 460 10.00 -11.59 -7.33
N PHE A 461 10.22 -10.52 -8.07
CA PHE A 461 10.02 -10.56 -9.50
C PHE A 461 11.35 -10.24 -10.18
N GLU A 462 11.56 -10.80 -11.37
CA GLU A 462 12.82 -10.63 -12.06
C GLU A 462 12.55 -10.53 -13.55
N THR A 463 13.52 -10.00 -14.28
CA THR A 463 13.32 -9.85 -15.73
C THR A 463 14.62 -9.30 -16.29
N GLN A 464 14.59 -8.88 -17.58
CA GLN A 464 15.81 -8.37 -18.19
C GLN A 464 15.59 -7.71 -19.53
N LEU A 465 16.22 -6.54 -19.72
CA LEU A 465 15.85 -5.71 -20.87
C LEU A 465 16.97 -5.81 -21.86
N CYS A 466 16.78 -6.67 -22.87
CA CYS A 466 17.85 -7.00 -23.80
C CYS A 466 17.72 -6.16 -25.07
N GLN A 467 18.86 -5.66 -25.53
CA GLN A 467 18.79 -4.81 -26.69
C GLN A 467 20.14 -4.80 -27.39
N PRO A 468 20.21 -4.20 -28.61
CA PRO A 468 21.47 -3.72 -29.19
C PRO A 468 22.27 -2.82 -28.27
N GLY A 469 23.34 -3.38 -27.66
CA GLY A 469 24.26 -2.65 -26.82
C GLY A 469 23.78 -2.44 -25.37
N LEU A 470 22.56 -2.89 -25.04
CA LEU A 470 21.96 -2.69 -23.72
C LEU A 470 21.56 -4.05 -23.19
N VAL A 471 21.68 -4.20 -21.87
CA VAL A 471 21.48 -5.47 -21.20
C VAL A 471 21.27 -5.19 -19.73
N ILE A 472 20.05 -4.77 -19.42
CA ILE A 472 19.79 -4.27 -18.08
C ILE A 472 19.07 -5.37 -17.30
N ASP A 473 19.61 -5.72 -16.15
CA ASP A 473 18.82 -6.59 -15.33
C ASP A 473 17.87 -5.77 -14.46
N LEU A 474 16.55 -6.07 -14.49
CA LEU A 474 15.62 -5.57 -13.47
C LEU A 474 15.29 -6.60 -12.37
N GLU A 475 14.49 -6.19 -11.38
CA GLU A 475 14.35 -6.90 -10.13
C GLU A 475 13.46 -6.15 -9.16
N THR A 476 12.58 -6.84 -8.44
CA THR A 476 11.89 -6.23 -7.29
C THR A 476 11.22 -7.26 -6.34
N THR A 477 10.42 -6.71 -5.42
CA THR A 477 9.98 -7.43 -4.24
C THR A 477 8.69 -6.85 -3.69
N SER A 478 7.68 -7.67 -3.57
CA SER A 478 6.51 -7.36 -2.76
C SER A 478 6.91 -6.97 -1.36
N LEU A 479 6.03 -6.21 -0.66
CA LEU A 479 6.09 -6.22 0.81
C LEU A 479 6.05 -7.62 1.43
N PRO A 480 6.70 -7.82 2.58
CA PRO A 480 6.65 -9.09 3.29
C PRO A 480 5.20 -9.52 3.42
N VAL A 481 5.07 -10.84 3.31
CA VAL A 481 3.83 -11.59 3.20
C VAL A 481 3.75 -12.54 4.37
N VAL A 482 2.53 -12.94 4.78
CA VAL A 482 2.41 -14.00 5.78
C VAL A 482 1.70 -15.20 5.18
N VAL A 483 2.06 -16.43 5.59
CA VAL A 483 1.49 -17.57 4.87
C VAL A 483 0.73 -18.52 5.80
N ILE A 484 -0.54 -18.77 5.53
CA ILE A 484 -1.23 -19.62 6.47
C ILE A 484 -1.88 -20.74 5.67
N SER A 485 -2.49 -21.64 6.45
CA SER A 485 -2.96 -22.93 5.99
C SER A 485 -4.47 -22.94 5.94
N ASN A 486 -5.06 -22.14 6.82
CA ASN A 486 -6.45 -22.18 7.19
C ASN A 486 -6.91 -20.80 7.64
N VAL A 487 -8.08 -20.36 7.15
CA VAL A 487 -8.50 -19.00 7.42
C VAL A 487 -8.77 -18.86 8.90
N SER A 488 -8.81 -19.94 9.65
CA SER A 488 -8.79 -19.77 11.10
C SER A 488 -7.71 -18.81 11.55
N GLN A 489 -6.57 -18.82 10.85
CA GLN A 489 -5.38 -18.10 11.30
C GLN A 489 -5.47 -16.62 10.91
N LEU A 490 -6.17 -16.36 9.82
CA LEU A 490 -6.16 -15.07 9.21
C LEU A 490 -6.19 -13.96 10.23
N PRO A 491 -7.16 -13.87 11.18
CA PRO A 491 -7.11 -12.90 12.28
C PRO A 491 -5.74 -12.60 12.89
N SER A 492 -5.18 -13.57 13.59
CA SER A 492 -3.82 -13.34 14.06
C SER A 492 -2.86 -12.92 12.92
N GLY A 493 -3.10 -13.41 11.71
CA GLY A 493 -2.25 -13.10 10.58
C GLY A 493 -2.24 -11.62 10.20
N TRP A 494 -3.31 -10.95 10.53
CA TRP A 494 -3.47 -9.64 9.98
C TRP A 494 -2.87 -8.78 11.05
N ALA A 495 -2.99 -9.28 12.27
CA ALA A 495 -2.24 -8.68 13.34
C ALA A 495 -0.77 -8.50 13.00
N SER A 496 -0.14 -9.50 12.43
CA SER A 496 1.24 -9.25 12.06
C SER A 496 1.37 -8.23 10.95
N ILE A 497 0.66 -8.35 9.80
CA ILE A 497 0.76 -7.26 8.80
C ILE A 497 0.45 -5.84 9.31
N LEU A 498 -0.34 -5.66 10.37
CA LEU A 498 -0.62 -4.32 10.84
C LEU A 498 0.66 -3.78 11.44
N TRP A 499 1.21 -4.53 12.39
CA TRP A 499 2.31 -4.07 13.20
C TRP A 499 3.51 -3.73 12.35
N TYR A 500 3.67 -4.39 11.21
CA TYR A 500 4.84 -4.16 10.42
C TYR A 500 4.56 -2.97 9.48
N ASN A 501 3.50 -3.01 8.72
CA ASN A 501 3.27 -1.83 7.92
C ASN A 501 2.94 -0.60 8.76
N MET A 502 3.23 -0.63 10.03
CA MET A 502 2.93 0.56 10.80
C MET A 502 4.22 1.01 11.47
N LEU A 503 5.05 0.08 11.94
CA LEU A 503 6.34 0.49 12.43
C LEU A 503 7.56 0.25 11.52
N VAL A 504 7.42 0.31 10.20
CA VAL A 504 8.56 0.01 9.36
C VAL A 504 8.40 0.64 7.98
N ALA A 505 9.48 1.27 7.53
CA ALA A 505 9.45 2.19 6.41
C ALA A 505 9.57 1.43 5.08
N GLU A 506 10.32 0.33 5.07
CA GLU A 506 10.37 -0.65 3.97
C GLU A 506 11.52 -1.64 4.19
N PRO A 507 12.73 -1.22 4.65
CA PRO A 507 13.81 -2.17 4.95
C PRO A 507 13.35 -3.58 5.34
N ARG A 508 13.16 -4.41 4.31
CA ARG A 508 12.50 -5.72 4.36
C ARG A 508 12.94 -6.58 5.53
N ASN A 509 12.45 -6.28 6.71
CA ASN A 509 13.15 -6.76 7.86
C ASN A 509 12.54 -8.08 8.26
N LEU A 510 12.65 -9.10 7.40
CA LEU A 510 11.94 -10.36 7.67
C LEU A 510 12.24 -10.94 9.06
N SER A 511 13.20 -10.39 9.77
CA SER A 511 13.44 -10.85 11.12
C SER A 511 12.85 -9.83 12.06
N PHE A 512 11.66 -9.32 11.75
CA PHE A 512 11.19 -8.19 12.54
C PHE A 512 10.58 -8.68 13.84
N PHE A 513 10.00 -9.90 13.84
CA PHE A 513 9.13 -10.24 14.95
C PHE A 513 9.92 -10.90 16.04
N LEU A 514 11.21 -11.06 15.77
CA LEU A 514 12.14 -11.54 16.76
C LEU A 514 12.31 -10.53 17.87
N THR A 515 12.17 -9.23 17.57
CA THR A 515 12.40 -8.22 18.60
C THR A 515 11.36 -7.10 18.62
N PRO A 516 10.06 -7.44 18.56
CA PRO A 516 9.07 -6.58 17.94
C PRO A 516 8.89 -5.37 18.82
N PRO A 517 9.01 -4.17 18.23
CA PRO A 517 9.14 -2.93 18.99
C PRO A 517 7.77 -2.53 19.45
N CYS A 518 7.68 -1.52 20.32
CA CYS A 518 6.41 -1.02 20.83
C CYS A 518 5.88 0.15 20.01
N ALA A 519 4.56 0.31 20.03
CA ALA A 519 3.90 1.29 19.19
C ALA A 519 3.33 2.34 20.12
N ARG A 520 3.14 3.55 19.63
CA ARG A 520 2.74 4.57 20.57
C ARG A 520 1.23 4.65 20.46
N TRP A 521 0.53 5.06 21.52
CA TRP A 521 -0.92 4.96 21.51
C TRP A 521 -1.40 5.88 20.39
N ALA A 522 -0.71 6.99 20.17
CA ALA A 522 -1.25 7.91 19.18
C ALA A 522 -1.32 7.31 17.80
N GLN A 523 -0.47 6.33 17.56
CA GLN A 523 -0.31 5.78 16.22
C GLN A 523 -1.21 4.56 16.09
N LEU A 524 -1.21 3.75 17.17
CA LEU A 524 -2.16 2.66 17.28
C LEU A 524 -3.54 3.15 16.87
N SER A 525 -4.10 4.04 17.68
CA SER A 525 -5.51 4.41 17.60
C SER A 525 -5.91 4.64 16.13
N GLU A 526 -5.23 5.54 15.40
CA GLU A 526 -5.64 5.81 14.03
C GLU A 526 -5.72 4.57 13.10
N VAL A 527 -4.95 3.52 13.43
CA VAL A 527 -5.04 2.29 12.67
C VAL A 527 -6.27 1.47 13.12
N LEU A 528 -6.40 1.17 14.44
CA LEU A 528 -7.63 0.64 15.00
C LEU A 528 -8.83 1.31 14.35
N SER A 529 -8.91 2.65 14.33
CA SER A 529 -9.95 3.28 13.54
C SER A 529 -9.96 2.78 12.11
N TRP A 530 -8.80 2.68 11.46
CA TRP A 530 -8.86 2.36 10.03
C TRP A 530 -9.56 1.02 9.85
N GLN A 531 -9.38 0.15 10.84
CA GLN A 531 -9.89 -1.19 10.74
C GLN A 531 -11.38 -1.15 10.46
N PHE A 532 -12.15 -0.29 11.15
CA PHE A 532 -13.61 -0.20 10.95
C PHE A 532 -14.02 0.63 9.72
N SER A 533 -13.38 1.77 9.53
CA SER A 533 -13.66 2.60 8.37
C SER A 533 -13.54 1.84 7.03
N SER A 534 -12.79 0.73 7.01
CA SER A 534 -12.46 0.09 5.74
C SER A 534 -13.51 -0.93 5.31
N VAL A 535 -13.94 -1.68 6.34
CA VAL A 535 -14.95 -2.73 6.29
C VAL A 535 -16.38 -2.20 6.32
N THR A 536 -16.63 -1.13 7.10
CA THR A 536 -17.95 -0.54 7.12
C THR A 536 -17.91 0.81 6.39
N LYS A 537 -18.66 1.78 6.97
CA LYS A 537 -18.82 3.11 6.42
C LYS A 537 -18.79 4.14 7.54
N ARG A 538 -18.03 3.85 8.58
CA ARG A 538 -17.89 4.73 9.74
C ARG A 538 -16.84 4.18 10.69
N GLY A 539 -15.81 4.94 11.03
CA GLY A 539 -14.84 4.42 11.98
C GLY A 539 -15.13 4.77 13.44
N LEU A 540 -14.07 4.78 14.25
CA LEU A 540 -14.18 4.81 15.70
C LEU A 540 -14.03 6.23 16.17
N ASN A 541 -15.10 6.76 16.75
CA ASN A 541 -15.11 8.14 17.21
C ASN A 541 -14.19 8.28 18.42
N VAL A 542 -14.18 9.49 18.98
CA VAL A 542 -13.24 9.82 20.04
C VAL A 542 -13.53 9.08 21.35
N ASP A 543 -14.79 9.05 21.76
CA ASP A 543 -15.05 8.57 23.10
C ASP A 543 -14.84 7.07 23.10
N GLN A 544 -15.17 6.45 21.96
CA GLN A 544 -14.90 5.03 21.74
C GLN A 544 -13.41 4.74 21.94
N LEU A 545 -12.56 5.52 21.26
CA LEU A 545 -11.14 5.25 21.32
C LEU A 545 -10.58 5.30 22.71
N ASN A 546 -11.02 6.33 23.49
CA ASN A 546 -10.69 6.44 24.90
C ASN A 546 -11.05 5.22 25.71
N MET A 547 -12.10 4.48 25.30
CA MET A 547 -12.37 3.23 26.01
C MET A 547 -11.27 2.20 25.71
N LEU A 548 -10.90 2.06 24.42
CA LEU A 548 -9.93 1.05 24.10
C LEU A 548 -8.58 1.58 24.54
N GLY A 549 -8.41 2.90 24.53
CA GLY A 549 -7.28 3.51 25.24
C GLY A 549 -7.02 2.72 26.51
N GLU A 550 -8.04 2.76 27.34
CA GLU A 550 -7.81 2.52 28.73
C GLU A 550 -7.74 1.02 28.89
N LYS A 551 -8.30 0.25 27.96
CA LYS A 551 -8.13 -1.19 28.15
C LYS A 551 -6.65 -1.57 28.10
N LEU A 552 -5.88 -0.98 27.18
CA LEU A 552 -4.51 -1.37 26.88
C LEU A 552 -3.57 -0.69 27.88
N LEU A 553 -3.88 0.58 28.16
CA LEU A 553 -2.89 1.47 28.74
C LEU A 553 -3.02 1.70 30.23
N GLY A 554 -4.23 1.59 30.77
CA GLY A 554 -4.51 2.02 32.12
C GLY A 554 -5.32 3.31 32.19
N PRO A 555 -5.63 3.78 33.41
CA PRO A 555 -6.31 5.06 33.63
C PRO A 555 -5.68 6.30 33.01
N ASN A 556 -4.35 6.25 32.84
CA ASN A 556 -3.54 7.35 32.34
C ASN A 556 -3.18 7.09 30.88
N ALA A 557 -4.15 7.28 29.99
CA ALA A 557 -3.98 6.83 28.62
C ALA A 557 -3.48 8.00 27.78
N SER A 558 -2.21 8.33 28.03
CA SER A 558 -1.56 9.42 27.33
C SER A 558 -1.50 9.08 25.84
N PRO A 559 -1.30 10.02 24.89
CA PRO A 559 -1.19 9.66 23.47
C PRO A 559 0.24 9.25 23.14
N ASP A 560 1.04 9.08 24.18
CA ASP A 560 2.42 8.67 24.03
C ASP A 560 2.62 7.26 24.57
N GLY A 561 1.75 6.80 25.48
CA GLY A 561 1.88 5.48 26.07
C GLY A 561 2.35 4.41 25.07
N LEU A 562 3.11 3.45 25.57
CA LEU A 562 3.64 2.40 24.70
C LEU A 562 2.91 1.08 24.90
N ILE A 563 2.28 0.65 23.84
CA ILE A 563 1.63 -0.62 23.82
C ILE A 563 2.65 -1.56 23.24
N PRO A 564 3.15 -2.53 24.00
CA PRO A 564 4.03 -3.61 23.49
C PRO A 564 3.29 -4.67 22.72
N TRP A 565 4.01 -5.41 21.89
CA TRP A 565 3.37 -6.34 20.97
C TRP A 565 2.81 -7.55 21.71
N THR A 566 3.39 -7.90 22.83
CA THR A 566 2.71 -8.92 23.60
C THR A 566 1.34 -8.33 23.83
N ARG A 567 1.27 -7.11 24.35
CA ARG A 567 0.05 -6.66 24.99
C ARG A 567 -1.08 -6.61 23.98
N PHE A 568 -0.77 -6.16 22.80
CA PHE A 568 -1.77 -6.06 21.78
C PHE A 568 -2.22 -7.40 21.26
N CYS A 569 -1.51 -8.48 21.53
CA CYS A 569 -1.85 -9.65 20.74
C CYS A 569 -1.77 -11.02 21.38
N LYS A 570 -0.88 -11.32 22.35
CA LYS A 570 -0.69 -12.70 22.85
C LYS A 570 -0.41 -12.67 24.34
N GLU A 571 -1.47 -12.60 25.14
CA GLU A 571 -1.37 -12.08 26.49
C GLU A 571 -2.77 -11.63 26.84
N ASN A 572 -3.33 -12.23 27.88
CA ASN A 572 -4.73 -12.01 28.21
C ASN A 572 -4.89 -10.61 28.80
N ILE A 573 -6.07 -10.06 28.56
CA ILE A 573 -6.44 -8.76 29.07
C ILE A 573 -6.62 -8.89 30.59
N ASN A 574 -6.41 -7.78 31.29
CA ASN A 574 -6.46 -7.69 32.73
C ASN A 574 -6.79 -9.05 33.36
N ASP A 575 -8.00 -9.56 33.14
CA ASP A 575 -8.47 -10.71 33.90
C ASP A 575 -9.08 -11.79 33.01
N LYS A 576 -9.11 -11.55 31.69
CA LYS A 576 -9.94 -12.34 30.79
C LYS A 576 -9.13 -13.46 30.17
N ASN A 577 -9.74 -14.22 29.29
CA ASN A 577 -9.08 -15.42 28.82
C ASN A 577 -8.81 -15.24 27.35
N PHE A 578 -8.74 -13.97 26.93
CA PHE A 578 -8.41 -13.75 25.55
C PHE A 578 -7.47 -12.55 25.44
N PRO A 579 -6.72 -12.54 24.33
CA PRO A 579 -6.05 -11.35 23.85
C PRO A 579 -6.93 -10.24 23.28
N PHE A 580 -6.51 -9.01 23.57
CA PHE A 580 -7.20 -7.85 23.07
C PHE A 580 -7.45 -7.83 21.56
N TRP A 581 -6.56 -8.39 20.73
CA TRP A 581 -6.76 -8.09 19.31
C TRP A 581 -7.78 -9.09 18.80
N LEU A 582 -7.79 -10.26 19.42
CA LEU A 582 -8.75 -11.25 19.05
C LEU A 582 -10.14 -10.76 19.41
N TRP A 583 -10.24 -9.96 20.47
CA TRP A 583 -11.53 -9.43 20.89
C TRP A 583 -12.18 -8.48 19.90
N ILE A 584 -11.43 -7.48 19.47
CA ILE A 584 -11.90 -6.59 18.44
C ILE A 584 -12.17 -7.35 17.13
N GLU A 585 -11.31 -8.30 16.85
CA GLU A 585 -11.42 -8.95 15.58
C GLU A 585 -12.79 -9.59 15.55
N SER A 586 -13.26 -10.22 16.65
CA SER A 586 -14.63 -10.75 16.65
C SER A 586 -15.76 -9.68 16.55
N ILE A 587 -15.67 -8.64 17.35
CA ILE A 587 -16.67 -7.61 17.26
C ILE A 587 -16.72 -7.15 15.83
N LEU A 588 -15.59 -7.25 15.15
CA LEU A 588 -15.58 -6.60 13.86
C LEU A 588 -16.33 -7.51 12.90
N GLU A 589 -16.21 -8.84 13.16
CA GLU A 589 -16.81 -9.84 12.29
C GLU A 589 -18.30 -9.82 12.49
N LEU A 590 -18.76 -9.62 13.73
CA LEU A 590 -20.18 -9.47 14.00
C LEU A 590 -20.89 -8.31 13.26
N ILE A 591 -20.23 -7.17 13.16
CA ILE A 591 -20.85 -6.02 12.55
C ILE A 591 -21.02 -6.32 11.10
N LYS A 592 -20.05 -7.06 10.57
CA LYS A 592 -19.91 -7.19 9.13
C LYS A 592 -21.10 -8.01 8.70
N LYS A 593 -21.53 -9.00 9.50
CA LYS A 593 -22.60 -9.85 9.00
C LYS A 593 -23.91 -9.81 9.78
N HIS A 594 -24.12 -8.84 10.66
CA HIS A 594 -25.41 -8.75 11.29
C HIS A 594 -25.77 -7.34 11.78
N LEU A 595 -24.94 -6.32 11.52
CA LEU A 595 -25.21 -5.04 12.15
C LEU A 595 -24.86 -3.88 11.22
N LEU A 596 -24.65 -4.10 9.93
CA LEU A 596 -24.04 -3.03 9.14
C LEU A 596 -24.86 -1.77 9.22
N PRO A 597 -26.19 -1.89 8.92
CA PRO A 597 -27.12 -0.77 8.81
C PRO A 597 -27.22 0.04 10.10
N LEU A 598 -27.38 -0.64 11.23
CA LEU A 598 -27.35 0.03 12.52
C LEU A 598 -25.98 0.61 12.79
N TRP A 599 -24.91 0.09 12.18
CA TRP A 599 -23.60 0.58 12.56
C TRP A 599 -23.33 1.80 11.70
N ASN A 600 -23.68 1.67 10.42
CA ASN A 600 -23.47 2.79 9.54
C ASN A 600 -24.16 4.00 10.13
N ASP A 601 -25.35 3.79 10.68
CA ASP A 601 -26.25 4.89 11.04
C ASP A 601 -26.08 5.34 12.48
N GLY A 602 -25.07 4.86 13.18
CA GLY A 602 -24.69 5.46 14.45
C GLY A 602 -25.63 5.14 15.61
N CYS A 603 -26.40 4.05 15.45
CA CYS A 603 -27.32 3.59 16.46
C CYS A 603 -26.59 2.99 17.65
N ILE A 604 -25.33 2.55 17.42
CA ILE A 604 -24.58 1.76 18.41
C ILE A 604 -23.49 2.63 19.05
N MET A 605 -23.47 2.74 20.37
CA MET A 605 -22.29 3.26 21.08
C MET A 605 -21.10 2.29 20.98
N GLY A 606 -21.40 1.00 20.96
CA GLY A 606 -20.41 -0.06 20.95
C GLY A 606 -19.54 -0.19 22.21
N PHE A 607 -18.61 0.76 22.43
CA PHE A 607 -17.53 0.57 23.40
C PHE A 607 -17.68 1.62 24.47
N ILE A 608 -18.02 1.19 25.65
CA ILE A 608 -18.31 2.11 26.71
C ILE A 608 -18.25 1.35 28.05
N SER A 609 -17.60 1.93 29.02
CA SER A 609 -17.28 1.25 30.25
C SER A 609 -18.56 1.12 31.05
N LYS A 610 -18.67 0.04 31.83
CA LYS A 610 -19.86 -0.21 32.63
C LYS A 610 -19.62 0.48 33.96
N GLU A 611 -19.41 1.78 33.84
CA GLU A 611 -19.32 2.71 34.94
C GLU A 611 -19.62 4.10 34.39
N ARG A 612 -19.31 4.34 33.14
CA ARG A 612 -19.63 5.60 32.53
C ARG A 612 -20.96 5.40 31.83
N GLU A 613 -21.47 4.17 31.93
CA GLU A 613 -22.65 3.82 31.15
C GLU A 613 -23.83 3.99 32.08
N ARG A 614 -23.64 3.62 33.36
CA ARG A 614 -24.52 4.08 34.43
C ARG A 614 -24.42 5.61 34.40
N ALA A 615 -23.23 6.20 34.53
CA ALA A 615 -23.13 7.64 34.73
C ALA A 615 -23.56 8.44 33.47
N LEU A 616 -24.37 7.86 32.62
CA LEU A 616 -24.90 8.59 31.51
C LEU A 616 -26.38 8.19 31.30
N LEU A 617 -26.81 7.21 32.11
CA LEU A 617 -28.19 6.76 32.29
C LEU A 617 -28.59 7.08 33.74
N LYS A 618 -28.57 8.36 34.08
CA LYS A 618 -29.51 8.94 35.02
C LYS A 618 -30.19 10.07 34.21
N ASP A 619 -30.47 9.64 32.97
CA ASP A 619 -30.87 10.52 31.92
C ASP A 619 -32.33 10.71 32.20
N GLN A 620 -33.14 9.74 31.77
CA GLN A 620 -34.49 10.12 31.39
C GLN A 620 -35.51 9.04 31.71
N GLN A 621 -36.44 8.90 30.77
CA GLN A 621 -37.72 8.24 30.95
C GLN A 621 -37.42 6.78 31.18
N PRO A 622 -37.70 6.28 32.38
CA PRO A 622 -37.39 4.88 32.67
C PRO A 622 -37.70 3.83 31.60
N GLY A 623 -36.82 3.79 30.58
CA GLY A 623 -37.19 3.37 29.23
C GLY A 623 -36.22 3.93 28.17
N THR A 624 -34.97 4.16 28.61
CA THR A 624 -33.88 4.41 27.69
C THR A 624 -32.89 3.26 27.79
N PHE A 625 -32.23 3.00 26.64
CA PHE A 625 -31.27 1.92 26.52
C PHE A 625 -30.20 2.18 25.44
N LEU A 626 -28.91 1.81 25.70
CA LEU A 626 -27.79 1.88 24.75
C LEU A 626 -27.68 0.55 24.04
N LEU A 627 -26.88 0.47 22.96
CA LEU A 627 -26.27 -0.79 22.55
C LEU A 627 -24.75 -0.84 22.78
N ARG A 628 -24.24 -1.75 23.62
CA ARG A 628 -22.83 -2.06 23.82
C ARG A 628 -22.31 -3.28 23.05
N PHE A 629 -21.04 -3.55 23.21
CA PHE A 629 -20.45 -4.81 22.85
C PHE A 629 -19.97 -5.49 24.13
N SER A 630 -20.23 -6.79 24.21
CA SER A 630 -19.86 -7.50 25.42
C SER A 630 -18.35 -7.43 25.51
N GLU A 631 -17.86 -7.27 26.74
CA GLU A 631 -16.45 -7.30 26.98
C GLU A 631 -16.02 -8.69 27.37
N SER A 632 -16.97 -9.57 27.67
CA SER A 632 -16.60 -10.86 28.26
C SER A 632 -16.64 -11.98 27.23
N SER A 633 -17.13 -11.69 26.02
CA SER A 633 -17.25 -12.74 25.04
C SER A 633 -15.90 -13.11 24.41
N ARG A 634 -15.97 -14.02 23.48
CA ARG A 634 -14.88 -14.30 22.61
C ARG A 634 -15.44 -14.43 21.21
N GLU A 635 -16.75 -14.57 21.11
CA GLU A 635 -17.37 -14.79 19.82
C GLU A 635 -17.81 -13.43 19.31
N GLY A 636 -17.70 -12.42 20.18
CA GLY A 636 -18.21 -11.11 19.84
C GLY A 636 -19.73 -11.08 19.83
N ALA A 637 -20.30 -10.12 20.58
CA ALA A 637 -21.66 -10.20 21.08
C ALA A 637 -22.16 -8.84 21.52
N ILE A 638 -23.31 -8.43 20.96
CA ILE A 638 -23.98 -7.19 21.33
C ILE A 638 -24.90 -7.40 22.53
N THR A 639 -25.23 -6.28 23.21
CA THR A 639 -26.10 -6.29 24.39
C THR A 639 -27.01 -5.07 24.34
N PHE A 640 -27.88 -4.88 25.35
CA PHE A 640 -28.46 -3.57 25.58
C PHE A 640 -28.74 -3.37 27.08
N THR A 641 -28.67 -2.10 27.49
CA THR A 641 -28.96 -1.68 28.84
C THR A 641 -29.98 -0.55 28.82
N TRP A 642 -30.83 -0.55 29.87
CA TRP A 642 -31.92 0.41 30.08
C TRP A 642 -32.02 0.81 31.58
N VAL A 643 -32.78 1.90 31.91
CA VAL A 643 -32.96 2.41 33.29
C VAL A 643 -34.39 2.54 33.79
N GLU A 644 -34.59 2.26 35.07
CA GLU A 644 -35.95 2.22 35.57
C GLU A 644 -36.32 3.39 36.50
N ARG A 645 -37.12 3.08 37.51
CA ARG A 645 -37.37 3.95 38.64
C ARG A 645 -37.61 2.93 39.74
N SER A 646 -36.94 3.12 40.88
CA SER A 646 -36.87 2.07 41.90
C SER A 646 -37.81 2.40 43.07
N GLN A 647 -38.30 3.64 43.12
CA GLN A 647 -39.24 4.09 44.15
C GLN A 647 -38.47 4.74 45.31
N ASN A 648 -37.17 4.44 45.42
CA ASN A 648 -36.35 4.93 46.52
C ASN A 648 -36.05 6.41 46.30
N GLY A 649 -36.46 6.94 45.13
CA GLY A 649 -36.23 8.34 44.78
C GLY A 649 -34.85 8.53 44.14
N GLY A 650 -34.48 7.58 43.27
CA GLY A 650 -33.15 7.54 42.68
C GLY A 650 -33.09 6.54 41.53
N GLU A 651 -31.90 6.43 40.95
CA GLU A 651 -31.61 5.58 39.80
C GLU A 651 -32.00 4.14 40.12
N PRO A 652 -32.19 3.29 39.08
CA PRO A 652 -32.42 1.84 39.26
C PRO A 652 -31.07 1.19 39.45
N ASP A 653 -31.11 -0.12 39.68
CA ASP A 653 -29.88 -0.88 39.60
C ASP A 653 -29.44 -0.84 38.13
N PHE A 654 -30.32 -0.29 37.26
CA PHE A 654 -30.23 -0.52 35.83
C PHE A 654 -30.24 -2.01 35.46
N HIS A 655 -30.12 -2.33 34.18
CA HIS A 655 -30.52 -3.64 33.71
C HIS A 655 -29.82 -4.02 32.42
N ALA A 656 -29.09 -5.15 32.33
CA ALA A 656 -28.67 -5.57 30.98
C ALA A 656 -28.90 -7.05 30.64
N VAL A 657 -29.18 -7.31 29.35
CA VAL A 657 -29.48 -8.70 28.97
C VAL A 657 -28.19 -9.42 28.55
N GLU A 658 -28.05 -10.68 29.00
CA GLU A 658 -27.04 -11.59 28.47
C GLU A 658 -26.86 -11.46 26.96
N PRO A 659 -25.61 -11.28 26.50
CA PRO A 659 -25.31 -10.82 25.15
C PRO A 659 -25.65 -11.72 23.98
N TYR A 660 -26.32 -11.12 22.97
CA TYR A 660 -26.75 -11.80 21.76
C TYR A 660 -25.59 -11.98 20.80
N THR A 661 -25.24 -13.23 20.57
CA THR A 661 -24.15 -13.54 19.68
C THR A 661 -24.72 -13.95 18.34
N LYS A 662 -23.90 -14.65 17.53
CA LYS A 662 -24.25 -14.96 16.14
C LYS A 662 -25.35 -16.01 16.10
N LYS A 663 -25.27 -16.97 17.03
CA LYS A 663 -26.25 -18.04 17.12
C LYS A 663 -27.70 -17.52 17.21
N GLU A 664 -28.00 -16.52 18.03
CA GLU A 664 -29.37 -16.01 18.09
C GLU A 664 -29.57 -15.20 16.82
N LEU A 665 -28.52 -14.46 16.47
CA LEU A 665 -28.67 -13.37 15.55
C LEU A 665 -28.93 -13.90 14.16
N SER A 666 -28.54 -15.16 13.99
CA SER A 666 -28.67 -15.82 12.71
C SER A 666 -30.12 -16.16 12.47
N ALA A 667 -30.87 -16.26 13.58
CA ALA A 667 -32.20 -16.82 13.57
C ALA A 667 -33.24 -15.74 13.48
N VAL A 668 -33.02 -14.68 14.26
CA VAL A 668 -33.84 -13.49 14.14
C VAL A 668 -32.96 -12.25 14.22
N THR A 669 -33.35 -11.14 13.56
CA THR A 669 -32.44 -9.98 13.56
C THR A 669 -32.47 -9.23 14.90
N PHE A 670 -31.45 -8.38 15.03
CA PHE A 670 -31.19 -7.64 16.24
C PHE A 670 -32.12 -6.45 16.33
N PRO A 671 -32.56 -5.84 15.20
CA PRO A 671 -33.77 -5.00 15.18
C PRO A 671 -35.06 -5.71 15.58
N ASP A 672 -35.37 -6.81 14.91
CA ASP A 672 -36.51 -7.59 15.38
C ASP A 672 -36.35 -7.95 16.85
N ILE A 673 -35.13 -8.20 17.36
CA ILE A 673 -35.14 -8.54 18.77
C ILE A 673 -35.69 -7.36 19.49
N ILE A 674 -35.19 -6.17 19.13
CA ILE A 674 -35.39 -5.05 20.01
C ILE A 674 -36.84 -4.65 19.97
N ARG A 675 -37.41 -4.63 18.75
CA ARG A 675 -38.81 -4.29 18.55
C ARG A 675 -39.74 -4.96 19.54
N ASN A 676 -39.49 -6.24 19.89
CA ASN A 676 -40.49 -7.11 20.49
C ASN A 676 -40.09 -7.64 21.83
N TYR A 677 -38.99 -7.21 22.43
CA TYR A 677 -38.58 -7.82 23.70
C TYR A 677 -39.69 -7.59 24.69
N LYS A 678 -39.84 -8.44 25.73
CA LYS A 678 -41.04 -8.37 26.54
C LYS A 678 -40.80 -8.26 28.04
N VAL A 679 -40.12 -9.25 28.62
CA VAL A 679 -40.15 -9.40 30.08
C VAL A 679 -41.54 -9.83 30.58
N MET A 680 -41.58 -10.99 31.24
CA MET A 680 -42.78 -11.78 31.43
C MET A 680 -42.86 -12.25 32.87
N ALA A 681 -43.98 -12.89 33.16
CA ALA A 681 -44.30 -13.27 34.51
C ALA A 681 -45.02 -14.60 34.45
N ALA A 682 -45.80 -14.90 35.49
CA ALA A 682 -46.76 -15.98 35.43
C ALA A 682 -48.01 -15.48 34.70
N GLU A 683 -48.72 -14.56 35.36
CA GLU A 683 -50.09 -14.26 35.00
C GLU A 683 -50.24 -12.75 35.05
N ASN A 684 -49.25 -12.06 34.49
CA ASN A 684 -49.38 -10.63 34.29
C ASN A 684 -49.17 -10.32 32.81
N ILE A 685 -50.02 -9.45 32.27
CA ILE A 685 -49.68 -8.85 30.99
C ILE A 685 -48.19 -8.53 30.93
N PRO A 686 -47.46 -8.82 29.82
CA PRO A 686 -46.04 -8.59 29.75
C PRO A 686 -45.70 -7.21 29.15
N GLU A 687 -44.54 -6.66 29.61
CA GLU A 687 -44.16 -5.26 29.46
C GLU A 687 -43.27 -5.08 28.24
N ASN A 688 -42.75 -3.87 28.04
CA ASN A 688 -41.85 -3.61 26.93
C ASN A 688 -40.93 -2.45 27.28
N PRO A 689 -39.90 -2.69 28.09
CA PRO A 689 -39.15 -1.59 28.70
C PRO A 689 -38.07 -1.11 27.77
N LEU A 690 -38.45 -0.54 26.64
CA LEU A 690 -37.45 0.07 25.77
C LEU A 690 -38.16 1.22 25.09
N LYS A 691 -38.29 2.35 25.79
CA LYS A 691 -38.92 3.44 25.09
C LYS A 691 -37.97 4.17 24.16
N TYR A 692 -36.81 4.55 24.72
CA TYR A 692 -35.91 5.55 24.18
C TYR A 692 -34.46 5.05 23.98
N LEU A 693 -33.94 5.38 22.77
CA LEU A 693 -32.65 4.91 22.37
C LEU A 693 -31.62 5.64 23.20
N TYR A 694 -31.05 6.81 22.85
CA TYR A 694 -30.05 7.25 23.83
C TYR A 694 -30.46 8.55 24.49
N PRO A 695 -30.43 9.71 23.81
CA PRO A 695 -30.91 10.95 24.42
C PRO A 695 -32.45 11.04 24.53
N ASN A 696 -33.11 11.18 23.38
CA ASN A 696 -34.52 10.90 23.31
C ASN A 696 -34.76 10.53 21.84
N ILE A 697 -34.86 9.23 21.62
CA ILE A 697 -35.34 8.72 20.36
C ILE A 697 -36.29 7.56 20.70
N ASP A 698 -37.52 7.69 20.23
CA ASP A 698 -38.57 6.71 20.37
C ASP A 698 -38.25 5.53 19.46
N LYS A 699 -38.24 4.34 20.09
CA LYS A 699 -37.67 3.13 19.49
C LYS A 699 -38.10 3.04 18.03
N ASP A 700 -39.38 3.27 17.78
CA ASP A 700 -39.96 2.78 16.55
C ASP A 700 -39.66 3.79 15.45
N HIS A 701 -38.65 4.62 15.70
CA HIS A 701 -38.16 5.62 14.76
C HIS A 701 -36.68 5.37 14.52
N ALA A 702 -35.97 5.18 15.64
CA ALA A 702 -34.58 4.74 15.66
C ALA A 702 -34.39 3.41 14.94
N PHE A 703 -35.09 2.38 15.38
CA PHE A 703 -35.12 1.15 14.63
C PHE A 703 -36.39 1.08 13.80
N GLY A 704 -36.67 2.09 13.02
CA GLY A 704 -37.96 2.01 12.40
C GLY A 704 -37.82 1.09 11.22
N LYS A 705 -36.81 1.47 10.38
CA LYS A 705 -36.67 1.18 8.96
C LYS A 705 -35.97 -0.17 8.79
N TYR A 706 -35.46 -0.70 9.89
CA TYR A 706 -34.75 -1.96 9.87
C TYR A 706 -35.61 -3.16 10.19
N TYR A 707 -36.65 -2.95 11.00
CA TYR A 707 -37.64 -3.99 11.16
C TYR A 707 -37.97 -4.58 9.80
N SER A 708 -38.29 -5.90 9.84
CA SER A 708 -38.64 -6.69 8.67
C SER A 708 -40.17 -6.77 8.51
N ARG A 709 -40.65 -6.38 7.32
CA ARG A 709 -42.07 -6.36 6.99
C ARG A 709 -42.74 -5.11 7.59
N PRO A 710 -43.51 -5.20 8.71
CA PRO A 710 -44.45 -4.13 9.10
C PRO A 710 -43.93 -3.06 10.08
N THR A 725 -55.49 -25.54 4.93
CA THR A 725 -56.65 -24.61 5.00
C THR A 725 -56.21 -23.23 5.50
N GLY A 726 -54.94 -23.12 5.93
CA GLY A 726 -54.34 -21.84 6.21
C GLY A 726 -53.51 -21.92 7.47
N ILE A 728 -51.12 -20.87 10.54
CA ILE A 728 -51.19 -19.70 11.42
C ILE A 728 -49.76 -19.23 11.67
N LYS A 729 -49.48 -17.92 11.55
CA LYS A 729 -48.10 -17.48 11.42
C LYS A 729 -47.49 -17.33 12.82
N THR A 730 -46.18 -17.55 12.90
CA THR A 730 -45.50 -17.41 14.17
C THR A 730 -44.34 -16.46 13.96
N GLU A 731 -43.71 -16.07 15.08
CA GLU A 731 -42.51 -15.25 15.16
C GLU A 731 -41.64 -15.82 16.26
N LEU A 732 -40.32 -15.72 16.11
CA LEU A 732 -39.45 -15.80 17.26
C LEU A 732 -39.30 -14.42 17.96
N ILE A 733 -38.90 -14.45 19.24
CA ILE A 733 -39.02 -13.33 20.14
C ILE A 733 -38.19 -13.61 21.39
N SER A 734 -37.46 -12.58 21.86
CA SER A 734 -36.62 -12.83 23.03
C SER A 734 -37.28 -12.34 24.30
N VAL A 735 -37.22 -13.19 25.32
CA VAL A 735 -38.01 -12.88 26.50
C VAL A 735 -37.30 -13.16 27.80
N SER A 736 -37.58 -12.33 28.80
CA SER A 736 -36.87 -12.47 30.05
C SER A 736 -37.86 -12.82 31.14
N GLU A 737 -37.37 -13.56 32.16
CA GLU A 737 -38.06 -13.94 33.40
C GLU A 737 -39.11 -15.07 33.19
#